data_1ZEI
#
_entry.id   1ZEI
#
_cell.length_a   53.952
_cell.length_b   64.772
_cell.length_c   48.914
_cell.angle_alpha   90.00
_cell.angle_beta   109.81
_cell.angle_gamma   90.00
#
_symmetry.space_group_name_H-M   'P 1 21 1'
#
loop_
_entity.id
_entity.type
_entity.pdbx_description
1 polymer INSULIN
2 non-polymer M-CRESOL
3 non-polymer 'ZINC ION'
4 non-polymer 'CHLORIDE ION'
5 water water
#
_entity_poly.entity_id   1
_entity_poly.type   'polypeptide(L)'
_entity_poly.pdbx_seq_one_letter_code
;FVNQHLCGSHLVEALYLVCGERGFFYTDKAAKGIVEQCCTSICSLYQLENYCN
;
_entity_poly.pdbx_strand_id   A,B,C,D,E,F
#
# COMPACT_ATOMS: atom_id res chain seq x y z
N PHE A 1 11.06 -14.36 12.11
CA PHE A 1 10.56 -13.73 10.90
C PHE A 1 9.14 -13.21 11.07
N VAL A 2 8.78 -12.27 10.17
CA VAL A 2 7.47 -11.65 10.25
C VAL A 2 6.66 -11.85 8.93
N ASN A 3 6.95 -12.97 8.26
CA ASN A 3 6.39 -13.26 6.93
C ASN A 3 4.85 -13.32 6.92
N GLN A 4 4.23 -14.07 7.81
CA GLN A 4 2.83 -14.18 7.64
C GLN A 4 2.15 -12.83 7.90
N HIS A 5 2.67 -12.03 8.87
CA HIS A 5 1.95 -10.74 9.22
C HIS A 5 2.09 -9.86 7.97
N LEU A 6 3.18 -9.93 7.27
CA LEU A 6 3.36 -9.09 6.06
C LEU A 6 2.45 -9.58 4.88
N CYS A 7 2.38 -10.92 4.86
CA CYS A 7 1.41 -11.54 3.90
C CYS A 7 0.00 -11.16 4.23
N GLY A 8 -0.54 -11.27 5.43
CA GLY A 8 -1.85 -10.85 5.91
C GLY A 8 -2.16 -9.50 5.36
N SER A 9 -1.24 -8.54 5.47
CA SER A 9 -1.57 -7.21 5.08
C SER A 9 -1.89 -7.13 3.57
N HIS A 10 -1.16 -7.77 2.74
CA HIS A 10 -1.61 -7.83 1.29
C HIS A 10 -2.84 -8.67 1.14
N LEU A 11 -3.14 -9.77 1.80
CA LEU A 11 -4.28 -10.56 1.57
C LEU A 11 -5.67 -9.82 1.97
N VAL A 12 -5.58 -8.99 2.97
CA VAL A 12 -6.85 -8.14 3.16
C VAL A 12 -7.01 -7.14 2.03
N GLU A 13 -6.00 -6.49 1.49
CA GLU A 13 -6.28 -5.59 0.40
C GLU A 13 -6.88 -6.44 -0.77
N ALA A 14 -6.40 -7.74 -0.95
CA ALA A 14 -6.88 -8.54 -2.09
C ALA A 14 -8.35 -8.91 -1.82
N LEU A 15 -8.69 -9.26 -0.60
CA LEU A 15 -10.12 -9.52 -0.31
C LEU A 15 -11.03 -8.26 -0.33
N TYR A 16 -10.42 -7.13 -0.08
CA TYR A 16 -11.29 -5.94 -0.32
C TYR A 16 -11.59 -5.67 -1.77
N LEU A 17 -10.59 -5.89 -2.65
CA LEU A 17 -10.77 -5.77 -4.09
C LEU A 17 -11.61 -6.95 -4.65
N VAL A 18 -11.36 -8.20 -4.34
CA VAL A 18 -12.05 -9.32 -4.89
C VAL A 18 -13.52 -9.29 -4.43
N CYS A 19 -13.81 -9.23 -3.15
CA CYS A 19 -15.05 -9.33 -2.47
C CYS A 19 -16.02 -8.19 -2.80
N GLY A 20 -15.64 -6.97 -3.01
CA GLY A 20 -16.61 -5.95 -3.44
C GLY A 20 -17.65 -5.66 -2.37
N GLU A 21 -18.86 -5.16 -2.79
CA GLU A 21 -19.88 -4.95 -1.77
C GLU A 21 -20.28 -6.19 -1.02
N ARG A 22 -20.05 -7.39 -1.39
CA ARG A 22 -20.26 -8.56 -0.51
C ARG A 22 -19.36 -8.57 0.74
N GLY A 23 -18.19 -7.83 0.73
CA GLY A 23 -17.32 -7.92 1.89
C GLY A 23 -16.85 -9.34 2.28
N PHE A 24 -16.24 -9.47 3.47
CA PHE A 24 -15.55 -10.57 4.04
C PHE A 24 -15.40 -10.36 5.54
N PHE A 25 -15.18 -11.44 6.22
CA PHE A 25 -14.96 -11.56 7.61
C PHE A 25 -13.45 -11.95 7.72
N TYR A 26 -12.69 -11.19 8.46
CA TYR A 26 -11.28 -11.58 8.63
C TYR A 26 -11.09 -11.86 10.15
N THR A 27 -11.86 -12.83 10.66
CA THR A 27 -11.86 -13.10 12.07
C THR A 27 -10.94 -14.23 12.57
N ASP A 28 -10.50 -14.42 13.65
CA ASP A 28 -9.52 -15.40 14.07
C ASP A 28 -9.86 -16.83 13.63
N LYS A 29 -11.18 -17.08 13.46
CA LYS A 29 -11.63 -18.45 13.14
C LYS A 29 -11.14 -18.95 11.81
N ALA A 30 -11.68 -18.39 10.71
CA ALA A 30 -11.32 -18.91 9.39
C ALA A 30 -10.39 -17.95 8.65
N ALA A 31 -9.84 -17.00 9.43
CA ALA A 31 -8.75 -16.18 8.90
C ALA A 31 -7.41 -16.81 9.22
N LYS A 32 -7.10 -17.59 10.28
CA LYS A 32 -5.80 -18.22 10.31
C LYS A 32 -5.68 -19.31 9.25
N GLY A 33 -6.82 -19.57 8.58
CA GLY A 33 -6.88 -20.65 7.61
C GLY A 33 -6.57 -20.15 6.19
N ILE A 34 -6.87 -18.87 5.94
CA ILE A 34 -6.53 -18.30 4.63
C ILE A 34 -5.06 -17.93 4.57
N VAL A 35 -4.55 -17.54 5.74
CA VAL A 35 -3.13 -17.43 5.89
C VAL A 35 -2.47 -18.82 5.83
N GLU A 36 -2.95 -19.83 6.56
CA GLU A 36 -2.17 -21.07 6.41
C GLU A 36 -2.01 -21.49 4.94
N GLN A 37 -3.02 -21.13 4.12
CA GLN A 37 -3.07 -21.67 2.76
C GLN A 37 -2.51 -20.70 1.70
N CYS A 38 -2.86 -19.39 1.84
CA CYS A 38 -2.49 -18.42 0.81
C CYS A 38 -1.19 -17.68 1.13
N CYS A 39 -0.71 -17.89 2.37
CA CYS A 39 0.71 -17.28 2.49
C CYS A 39 1.83 -18.33 2.34
N THR A 40 1.39 -19.58 2.28
CA THR A 40 2.29 -20.73 1.94
C THR A 40 2.56 -20.95 0.48
N SER A 41 1.61 -20.75 -0.40
CA SER A 41 1.63 -20.85 -1.83
C SER A 41 0.68 -19.78 -2.40
N ILE A 42 0.86 -19.29 -3.54
CA ILE A 42 0.05 -18.35 -4.20
C ILE A 42 -1.39 -18.82 -4.50
N CYS A 43 -2.27 -17.99 -3.93
CA CYS A 43 -3.68 -18.28 -4.15
C CYS A 43 -4.21 -17.55 -5.38
N SER A 44 -5.03 -18.18 -6.24
CA SER A 44 -5.66 -17.47 -7.36
C SER A 44 -6.84 -16.59 -6.90
N LEU A 45 -7.34 -15.72 -7.77
CA LEU A 45 -8.56 -14.96 -7.52
C LEU A 45 -9.72 -15.84 -7.19
N TYR A 46 -9.81 -17.08 -7.71
CA TYR A 46 -11.00 -17.85 -7.38
C TYR A 46 -10.87 -18.52 -6.03
N GLN A 47 -9.63 -18.81 -5.60
CA GLN A 47 -9.42 -19.41 -4.30
C GLN A 47 -9.66 -18.27 -3.30
N LEU A 48 -9.21 -17.06 -3.61
CA LEU A 48 -9.53 -15.90 -2.68
C LEU A 48 -10.99 -15.67 -2.49
N GLU A 49 -11.85 -15.87 -3.54
CA GLU A 49 -13.28 -15.67 -3.51
C GLU A 49 -14.08 -16.54 -2.55
N ASN A 50 -13.56 -17.76 -2.27
CA ASN A 50 -14.14 -18.66 -1.31
C ASN A 50 -14.09 -18.15 0.13
N TYR A 51 -13.30 -17.08 0.39
CA TYR A 51 -13.38 -16.48 1.72
C TYR A 51 -14.37 -15.34 1.71
N CYS A 52 -14.98 -14.96 0.60
CA CYS A 52 -15.86 -13.81 0.59
C CYS A 52 -17.17 -14.20 1.30
N ASN A 53 -17.93 -13.15 1.54
CA ASN A 53 -19.21 -13.28 2.22
C ASN A 53 -20.32 -13.67 1.22
N PHE B 1 -16.04 10.64 -8.57
CA PHE B 1 -14.63 10.13 -8.21
C PHE B 1 -14.79 8.96 -7.24
N VAL B 2 -13.82 7.98 -7.13
CA VAL B 2 -14.12 6.83 -6.30
C VAL B 2 -13.51 7.19 -4.95
N ASN B 3 -14.15 8.13 -4.30
CA ASN B 3 -13.74 8.62 -2.97
C ASN B 3 -14.02 7.47 -1.98
N GLN B 4 -15.14 6.89 -1.97
CA GLN B 4 -15.37 5.85 -0.98
C GLN B 4 -14.28 4.70 -1.14
N HIS B 5 -14.09 4.26 -2.40
CA HIS B 5 -13.29 2.99 -2.59
C HIS B 5 -11.85 3.28 -2.14
N LEU B 6 -11.33 4.49 -2.46
CA LEU B 6 -9.93 4.76 -2.00
C LEU B 6 -9.86 4.94 -0.51
N CYS B 7 -10.95 5.55 0.05
CA CYS B 7 -10.79 5.66 1.57
C CYS B 7 -10.98 4.29 2.16
N GLY B 8 -11.81 3.43 1.54
CA GLY B 8 -12.14 2.10 2.11
C GLY B 8 -10.86 1.23 1.97
N SER B 9 -10.02 1.46 1.01
CA SER B 9 -8.91 0.62 0.85
C SER B 9 -7.92 0.84 2.06
N HIS B 10 -7.72 2.08 2.45
CA HIS B 10 -6.87 2.38 3.62
C HIS B 10 -7.46 1.91 4.89
N LEU B 11 -8.78 2.06 5.03
CA LEU B 11 -9.43 1.62 6.25
C LEU B 11 -9.30 0.16 6.46
N VAL B 12 -9.27 -0.73 5.49
CA VAL B 12 -9.18 -2.18 5.74
C VAL B 12 -7.72 -2.38 6.22
N GLU B 13 -6.75 -1.69 5.72
CA GLU B 13 -5.37 -1.94 6.18
C GLU B 13 -5.28 -1.43 7.64
N ALA B 14 -5.93 -0.30 7.99
CA ALA B 14 -5.78 0.25 9.34
C ALA B 14 -6.49 -0.75 10.21
N LEU B 15 -7.57 -1.33 9.90
CA LEU B 15 -8.26 -2.30 10.74
C LEU B 15 -7.47 -3.68 10.98
N TYR B 16 -6.78 -4.09 9.94
CA TYR B 16 -5.95 -5.28 10.10
C TYR B 16 -4.91 -4.97 11.16
N LEU B 17 -4.29 -3.79 11.06
CA LEU B 17 -3.33 -3.55 12.16
C LEU B 17 -3.92 -3.35 13.50
N VAL B 18 -5.00 -2.56 13.72
CA VAL B 18 -5.43 -2.18 15.03
C VAL B 18 -6.13 -3.37 15.55
N CYS B 19 -6.88 -4.16 14.92
CA CYS B 19 -7.69 -5.24 15.48
C CYS B 19 -6.78 -6.48 15.81
N GLY B 20 -5.74 -6.63 15.07
CA GLY B 20 -4.76 -7.73 15.40
C GLY B 20 -5.59 -9.00 15.48
N GLU B 21 -5.48 -9.69 16.62
CA GLU B 21 -6.04 -10.98 16.90
C GLU B 21 -7.54 -10.96 16.99
N ARG B 22 -8.25 -9.92 17.37
CA ARG B 22 -9.71 -9.80 17.33
C ARG B 22 -10.17 -9.87 15.86
N GLY B 23 -9.44 -9.45 14.83
CA GLY B 23 -9.97 -9.57 13.45
C GLY B 23 -11.19 -8.61 13.34
N PHE B 24 -11.97 -8.68 12.27
CA PHE B 24 -13.08 -7.75 12.05
C PHE B 24 -13.85 -8.34 10.88
N PHE B 25 -14.97 -7.76 10.58
CA PHE B 25 -15.92 -8.14 9.52
C PHE B 25 -16.07 -6.86 8.70
N TYR B 26 -16.01 -6.85 7.36
CA TYR B 26 -16.10 -5.61 6.58
C TYR B 26 -17.25 -5.81 5.57
N THR B 27 -18.47 -5.68 6.08
CA THR B 27 -19.59 -5.72 5.17
C THR B 27 -19.95 -4.32 4.68
N ASP B 28 -20.10 -4.22 3.34
CA ASP B 28 -20.40 -2.93 2.75
C ASP B 28 -21.69 -2.32 3.34
N LYS B 29 -22.41 -3.15 4.13
CA LYS B 29 -23.54 -2.62 4.86
C LYS B 29 -23.20 -2.44 6.34
N ALA B 30 -22.02 -2.94 6.71
CA ALA B 30 -21.46 -2.61 8.02
C ALA B 30 -20.28 -1.65 7.85
N ALA B 31 -19.90 -1.44 6.58
CA ALA B 31 -18.78 -0.56 6.30
C ALA B 31 -19.23 0.86 6.01
N LYS B 32 -20.56 1.07 6.14
CA LYS B 32 -21.10 2.42 5.92
C LYS B 32 -20.81 3.35 7.11
N GLY B 33 -20.95 2.79 8.32
CA GLY B 33 -20.71 3.60 9.51
C GLY B 33 -19.27 4.12 9.55
N ILE B 34 -18.32 3.15 9.52
CA ILE B 34 -16.91 3.52 9.51
C ILE B 34 -16.54 4.26 8.24
N VAL B 35 -17.05 4.16 7.03
CA VAL B 35 -16.62 5.17 5.99
C VAL B 35 -17.22 6.54 6.22
N GLU B 36 -18.48 6.48 6.63
CA GLU B 36 -19.11 7.87 6.86
C GLU B 36 -18.43 8.62 7.93
N GLN B 37 -18.07 7.92 9.03
CA GLN B 37 -17.30 8.67 10.04
C GLN B 37 -15.90 9.00 9.64
N CYS B 38 -15.12 7.88 9.27
CA CYS B 38 -13.63 8.06 9.13
C CYS B 38 -13.07 8.47 7.76
N CYS B 39 -14.00 8.69 6.77
CA CYS B 39 -13.56 9.30 5.53
C CYS B 39 -14.01 10.80 5.45
N THR B 40 -14.67 11.22 6.52
CA THR B 40 -14.92 12.66 6.54
C THR B 40 -14.26 13.30 7.77
N SER B 41 -13.49 12.53 8.55
CA SER B 41 -12.73 13.08 9.67
C SER B 41 -11.71 12.00 10.10
N ILE B 42 -10.58 12.44 10.70
CA ILE B 42 -9.54 11.50 11.02
C ILE B 42 -9.94 10.74 12.26
N CYS B 43 -10.23 9.51 12.24
CA CYS B 43 -10.52 8.64 13.34
C CYS B 43 -9.31 8.27 14.18
N SER B 44 -9.51 8.37 15.53
CA SER B 44 -8.33 7.94 16.33
C SER B 44 -8.23 6.42 16.18
N LEU B 45 -7.03 5.90 16.72
CA LEU B 45 -7.05 4.44 16.71
C LEU B 45 -8.01 3.94 17.70
N TYR B 46 -8.32 4.63 18.83
CA TYR B 46 -9.38 4.06 19.66
C TYR B 46 -10.72 3.99 18.92
N GLN B 47 -10.97 5.00 18.07
CA GLN B 47 -12.25 5.00 17.35
C GLN B 47 -12.36 3.82 16.38
N LEU B 48 -11.24 3.55 15.68
CA LEU B 48 -11.20 2.41 14.77
C LEU B 48 -11.47 1.09 15.51
N GLU B 49 -10.85 0.97 16.78
CA GLU B 49 -11.07 -0.32 17.46
C GLU B 49 -12.48 -0.67 17.76
N ASN B 50 -13.41 0.34 17.77
CA ASN B 50 -14.80 0.12 17.96
C ASN B 50 -15.42 -0.70 16.88
N TYR B 51 -14.63 -0.85 15.77
CA TYR B 51 -15.18 -1.74 14.69
C TYR B 51 -14.52 -3.08 14.63
N CYS B 52 -13.72 -3.55 15.60
CA CYS B 52 -12.99 -4.79 15.62
C CYS B 52 -13.94 -5.85 16.13
N ASN B 53 -13.68 -7.10 15.90
CA ASN B 53 -14.44 -8.21 16.30
C ASN B 53 -14.22 -8.58 17.81
N PHE C 1 7.21 -19.01 -4.12
CA PHE C 1 6.39 -18.26 -5.11
C PHE C 1 5.65 -17.09 -4.47
N VAL C 2 4.97 -17.28 -3.32
CA VAL C 2 4.40 -16.07 -2.70
C VAL C 2 5.43 -14.98 -2.43
N ASN C 3 6.65 -15.22 -2.01
CA ASN C 3 7.65 -14.13 -1.82
C ASN C 3 7.93 -13.25 -2.98
N GLN C 4 8.12 -13.71 -4.24
CA GLN C 4 8.33 -12.95 -5.41
C GLN C 4 6.93 -12.27 -5.71
N HIS C 5 5.81 -12.79 -5.44
CA HIS C 5 4.55 -12.12 -5.71
C HIS C 5 4.59 -10.84 -4.78
N LEU C 6 4.81 -11.13 -3.49
CA LEU C 6 4.91 -9.98 -2.56
C LEU C 6 5.82 -8.92 -3.00
N CYS C 7 7.03 -9.28 -3.41
CA CYS C 7 7.99 -8.30 -3.93
C CYS C 7 7.56 -7.56 -5.12
N GLY C 8 6.89 -8.22 -6.09
CA GLY C 8 6.43 -7.65 -7.38
C GLY C 8 5.35 -6.50 -7.08
N SER C 9 4.64 -6.83 -6.05
CA SER C 9 3.58 -5.79 -5.71
C SER C 9 4.21 -4.50 -5.27
N HIS C 10 5.40 -4.53 -4.53
CA HIS C 10 5.94 -3.36 -4.11
C HIS C 10 6.71 -2.80 -5.31
N LEU C 11 7.40 -3.63 -6.24
CA LEU C 11 8.02 -3.05 -7.38
C LEU C 11 7.05 -2.34 -8.37
N VAL C 12 5.90 -2.77 -8.55
CA VAL C 12 4.93 -2.06 -9.38
C VAL C 12 4.58 -0.65 -8.81
N GLU C 13 4.46 -0.63 -7.45
CA GLU C 13 4.27 0.73 -6.95
C GLU C 13 5.53 1.59 -7.15
N ALA C 14 6.77 1.13 -6.98
CA ALA C 14 7.97 1.92 -7.33
C ALA C 14 8.08 2.33 -8.79
N LEU C 15 7.77 1.39 -9.72
CA LEU C 15 7.85 1.79 -11.15
C LEU C 15 6.82 2.90 -11.56
N TYR C 16 5.69 2.77 -10.99
CA TYR C 16 4.62 3.86 -11.15
C TYR C 16 5.24 5.10 -10.68
N LEU C 17 5.90 5.24 -9.54
CA LEU C 17 6.45 6.57 -9.21
C LEU C 17 7.61 6.99 -10.00
N VAL C 18 8.51 5.98 -10.20
CA VAL C 18 9.72 6.43 -10.98
C VAL C 18 9.51 6.75 -12.42
N CYS C 19 8.58 6.01 -13.02
CA CYS C 19 8.51 6.25 -14.52
C CYS C 19 7.66 7.43 -14.90
N GLY C 20 6.80 7.88 -13.98
CA GLY C 20 5.97 9.04 -14.29
C GLY C 20 5.13 8.91 -15.52
N GLU C 21 5.03 10.00 -16.28
CA GLU C 21 4.00 9.84 -17.31
C GLU C 21 4.48 8.98 -18.49
N ARG C 22 5.75 8.58 -18.52
CA ARG C 22 6.28 7.54 -19.35
C ARG C 22 5.48 6.30 -19.19
N GLY C 23 5.27 5.82 -17.95
CA GLY C 23 4.73 4.50 -17.76
C GLY C 23 5.72 3.35 -18.01
N PHE C 24 5.21 2.11 -18.04
CA PHE C 24 6.14 0.98 -18.09
C PHE C 24 5.38 -0.21 -18.54
N PHE C 25 6.10 -1.23 -19.05
CA PHE C 25 5.44 -2.51 -19.36
C PHE C 25 5.47 -3.38 -18.11
N TYR C 26 4.46 -4.24 -17.80
CA TYR C 26 4.74 -5.22 -16.73
C TYR C 26 4.04 -6.51 -17.06
N THR C 27 4.28 -6.90 -18.37
CA THR C 27 3.73 -8.18 -18.84
C THR C 27 4.62 -9.29 -18.26
N ASP C 28 4.28 -10.54 -18.65
CA ASP C 28 5.04 -11.66 -18.07
C ASP C 28 6.43 -11.63 -18.69
N LYS C 29 6.56 -11.22 -19.94
CA LYS C 29 7.93 -11.24 -20.51
C LYS C 29 8.81 -10.11 -19.99
N ALA C 30 8.12 -8.99 -19.86
CA ALA C 30 8.68 -7.70 -19.60
C ALA C 30 9.19 -7.66 -18.15
N ALA C 31 8.42 -8.34 -17.31
CA ALA C 31 8.58 -8.23 -15.89
C ALA C 31 8.73 -9.59 -15.22
N LYS C 32 9.97 -10.03 -15.30
CA LYS C 32 10.54 -11.30 -14.96
C LYS C 32 12.10 -11.11 -14.98
N GLY C 33 12.62 -10.33 -15.90
CA GLY C 33 13.94 -9.77 -15.96
C GLY C 33 14.05 -8.81 -14.71
N ILE C 34 13.03 -7.94 -14.51
CA ILE C 34 12.95 -7.06 -13.33
C ILE C 34 12.97 -7.83 -12.04
N VAL C 35 12.14 -8.79 -11.86
CA VAL C 35 12.04 -9.58 -10.64
C VAL C 35 13.36 -10.36 -10.51
N GLU C 36 13.93 -10.89 -11.60
CA GLU C 36 15.24 -11.56 -11.29
C GLU C 36 16.26 -10.63 -10.71
N GLN C 37 16.38 -9.40 -11.20
CA GLN C 37 17.36 -8.46 -10.71
C GLN C 37 16.95 -7.79 -9.41
N CYS C 38 15.68 -7.42 -9.30
CA CYS C 38 15.27 -6.58 -8.15
C CYS C 38 14.55 -7.21 -7.01
N CYS C 39 14.23 -8.47 -7.03
CA CYS C 39 13.72 -9.19 -5.89
C CYS C 39 14.76 -10.09 -5.15
N THR C 40 15.94 -10.18 -5.70
CA THR C 40 17.00 -10.96 -4.96
C THR C 40 17.94 -9.99 -4.30
N SER C 41 18.30 -8.90 -4.95
CA SER C 41 18.96 -7.73 -4.46
C SER C 41 18.09 -6.45 -4.53
N ILE C 42 18.38 -5.41 -3.75
CA ILE C 42 17.66 -4.18 -3.77
C ILE C 42 18.08 -3.28 -4.92
N CYS C 43 17.11 -2.79 -5.69
CA CYS C 43 17.56 -1.90 -6.81
C CYS C 43 17.47 -0.46 -6.52
N SER C 44 18.35 0.45 -6.91
CA SER C 44 18.05 1.85 -6.60
C SER C 44 16.92 2.35 -7.48
N LEU C 45 16.52 3.61 -7.31
CA LEU C 45 15.64 4.27 -8.30
C LEU C 45 16.28 4.47 -9.66
N TYR C 46 17.59 4.73 -9.69
CA TYR C 46 18.22 4.87 -11.02
C TYR C 46 18.32 3.56 -11.77
N GLN C 47 18.43 2.44 -11.18
CA GLN C 47 18.38 1.16 -11.85
C GLN C 47 16.87 0.95 -12.27
N LEU C 48 15.90 1.16 -11.34
CA LEU C 48 14.49 0.94 -11.79
C LEU C 48 14.09 1.72 -12.97
N GLU C 49 14.65 2.96 -13.18
CA GLU C 49 14.25 3.72 -14.33
C GLU C 49 14.55 3.13 -15.72
N ASN C 50 15.48 2.18 -15.71
CA ASN C 50 15.86 1.52 -16.97
C ASN C 50 14.64 0.82 -17.46
N TYR C 51 13.71 0.38 -16.50
CA TYR C 51 12.54 -0.31 -16.97
C TYR C 51 11.36 0.62 -17.33
N CYS C 52 11.39 1.87 -17.61
CA CYS C 52 10.35 2.81 -17.92
C CYS C 52 10.26 2.87 -19.50
N ASN C 53 9.07 3.16 -19.93
CA ASN C 53 8.87 3.09 -21.40
C ASN C 53 9.27 4.40 -22.12
N PHE D 1 -3.25 15.78 -11.88
CA PHE D 1 -4.03 16.29 -10.74
C PHE D 1 -3.78 15.33 -9.56
N VAL D 2 -3.52 15.81 -8.32
CA VAL D 2 -3.00 14.79 -7.37
C VAL D 2 -3.96 13.76 -7.11
N ASN D 3 -5.34 13.95 -7.20
CA ASN D 3 -6.31 12.91 -6.83
C ASN D 3 -6.22 11.87 -8.03
N GLN D 4 -5.85 12.19 -9.20
CA GLN D 4 -5.72 11.18 -10.23
C GLN D 4 -4.38 10.37 -10.10
N HIS D 5 -3.44 11.11 -9.70
CA HIS D 5 -2.07 10.49 -9.29
C HIS D 5 -2.28 9.43 -8.25
N LEU D 6 -2.98 9.77 -7.16
CA LEU D 6 -3.23 8.74 -6.13
C LEU D 6 -4.13 7.64 -6.53
N CYS D 7 -5.13 7.89 -7.38
CA CYS D 7 -6.07 6.82 -7.77
C CYS D 7 -5.22 5.82 -8.65
N GLY D 8 -4.39 6.42 -9.50
CA GLY D 8 -3.60 5.58 -10.39
C GLY D 8 -2.57 4.68 -9.65
N SER D 9 -2.15 5.15 -8.40
CA SER D 9 -1.23 4.33 -7.68
C SER D 9 -2.02 3.15 -7.23
N HIS D 10 -3.27 3.22 -6.85
CA HIS D 10 -4.06 2.04 -6.45
C HIS D 10 -4.47 1.14 -7.64
N LEU D 11 -4.75 1.70 -8.80
CA LEU D 11 -5.06 1.07 -10.06
C LEU D 11 -3.81 0.13 -10.51
N VAL D 12 -2.65 0.61 -10.44
CA VAL D 12 -1.46 -0.23 -10.76
C VAL D 12 -1.52 -1.49 -9.89
N GLU D 13 -1.77 -1.42 -8.51
CA GLU D 13 -1.86 -2.58 -7.71
C GLU D 13 -3.02 -3.53 -7.99
N ALA D 14 -4.24 -2.91 -8.26
CA ALA D 14 -5.30 -3.82 -8.65
C ALA D 14 -4.98 -4.47 -10.01
N LEU D 15 -4.38 -3.79 -10.97
CA LEU D 15 -4.11 -4.61 -12.18
C LEU D 15 -3.06 -5.69 -12.00
N TYR D 16 -2.07 -5.43 -11.11
CA TYR D 16 -1.10 -6.45 -10.80
C TYR D 16 -1.83 -7.71 -10.28
N LEU D 17 -2.77 -7.50 -9.46
CA LEU D 17 -3.51 -8.65 -8.84
C LEU D 17 -4.43 -9.33 -9.91
N VAL D 18 -5.26 -8.51 -10.48
CA VAL D 18 -6.25 -9.16 -11.47
C VAL D 18 -5.46 -9.79 -12.63
N CYS D 19 -4.53 -9.16 -13.26
CA CYS D 19 -3.89 -9.70 -14.41
C CYS D 19 -3.01 -10.92 -14.23
N GLY D 20 -2.84 -11.42 -12.97
CA GLY D 20 -2.06 -12.60 -12.73
C GLY D 20 -0.75 -12.57 -13.54
N GLU D 21 -0.47 -13.84 -14.02
CA GLU D 21 0.78 -14.14 -14.78
C GLU D 21 0.95 -13.29 -16.07
N ARG D 22 -0.17 -13.13 -16.76
CA ARG D 22 -0.34 -12.35 -17.98
C ARG D 22 0.39 -10.98 -17.93
N GLY D 23 0.08 -10.25 -16.78
CA GLY D 23 0.64 -8.89 -16.74
C GLY D 23 -0.10 -7.78 -17.45
N PHE D 24 0.55 -6.58 -17.74
CA PHE D 24 -0.25 -5.52 -18.25
C PHE D 24 0.68 -4.41 -18.72
N PHE D 25 0.25 -3.55 -19.56
CA PHE D 25 1.26 -2.47 -19.84
C PHE D 25 0.61 -1.29 -19.18
N TYR D 26 1.34 -0.28 -18.80
CA TYR D 26 0.79 0.93 -18.20
C TYR D 26 1.39 2.10 -18.89
N THR D 27 1.52 1.88 -20.21
CA THR D 27 1.89 2.97 -21.14
C THR D 27 0.96 4.18 -20.98
N ASP D 28 1.49 5.36 -21.34
CA ASP D 28 0.73 6.60 -21.16
C ASP D 28 -0.35 6.78 -22.24
N LYS D 29 -1.06 5.65 -22.50
CA LYS D 29 -2.22 5.70 -23.37
C LYS D 29 -3.29 4.77 -22.84
N ALA D 30 -2.83 3.63 -22.35
CA ALA D 30 -3.67 2.80 -21.54
C ALA D 30 -3.91 3.47 -20.20
N ALA D 31 -2.94 4.13 -19.60
CA ALA D 31 -3.07 4.82 -18.33
C ALA D 31 -4.24 5.83 -18.38
N LYS D 32 -4.19 6.75 -19.33
CA LYS D 32 -5.19 7.75 -19.57
C LYS D 32 -6.31 6.89 -20.11
N GLY D 33 -7.47 6.69 -19.57
CA GLY D 33 -8.20 5.61 -20.38
C GLY D 33 -8.70 4.76 -19.19
N ILE D 34 -7.72 4.12 -18.50
CA ILE D 34 -8.16 3.42 -17.31
C ILE D 34 -8.38 4.47 -16.22
N VAL D 35 -7.61 5.55 -16.29
CA VAL D 35 -7.77 6.60 -15.25
C VAL D 35 -9.11 7.23 -15.39
N GLU D 36 -9.47 7.56 -16.66
CA GLU D 36 -10.77 8.27 -16.87
C GLU D 36 -11.93 7.37 -16.66
N GLN D 37 -11.82 6.13 -17.10
CA GLN D 37 -12.87 5.20 -16.77
C GLN D 37 -13.03 4.79 -15.32
N CYS D 38 -11.92 4.48 -14.60
CA CYS D 38 -12.11 3.84 -13.35
C CYS D 38 -11.65 4.76 -12.14
N CYS D 39 -11.23 6.00 -12.52
CA CYS D 39 -11.19 6.79 -11.22
C CYS D 39 -12.41 7.76 -11.12
N THR D 40 -13.10 7.83 -12.31
CA THR D 40 -14.37 8.67 -12.17
C THR D 40 -15.45 7.94 -11.49
N SER D 41 -15.68 6.66 -11.79
CA SER D 41 -16.67 5.87 -11.03
C SER D 41 -16.13 4.44 -10.94
N ILE D 42 -16.63 3.65 -10.01
CA ILE D 42 -15.94 2.38 -9.84
C ILE D 42 -15.98 1.51 -11.11
N CYS D 43 -15.03 0.59 -11.10
CA CYS D 43 -14.90 -0.38 -12.23
C CYS D 43 -15.11 -1.78 -11.64
N SER D 44 -15.69 -2.73 -12.46
CA SER D 44 -15.91 -4.02 -11.83
C SER D 44 -14.59 -4.70 -12.23
N LEU D 45 -14.31 -5.90 -11.73
CA LEU D 45 -13.22 -6.76 -12.04
C LEU D 45 -13.18 -7.13 -13.52
N TYR D 46 -14.45 -7.25 -14.12
CA TYR D 46 -14.39 -7.52 -15.64
C TYR D 46 -13.74 -6.42 -16.39
N GLN D 47 -14.17 -5.19 -15.94
CA GLN D 47 -13.68 -3.97 -16.61
C GLN D 47 -12.21 -3.76 -16.52
N LEU D 48 -11.73 -4.11 -15.26
CA LEU D 48 -10.26 -4.02 -15.13
C LEU D 48 -9.56 -5.14 -15.86
N GLU D 49 -10.21 -6.37 -15.87
CA GLU D 49 -9.54 -7.41 -16.69
C GLU D 49 -9.28 -7.07 -18.15
N ASN D 50 -10.07 -6.11 -18.65
CA ASN D 50 -9.97 -5.75 -20.09
C ASN D 50 -8.69 -5.02 -20.32
N TYR D 51 -8.03 -4.42 -19.28
CA TYR D 51 -6.76 -3.69 -19.58
C TYR D 51 -5.62 -4.66 -19.51
N CYS D 52 -5.86 -5.97 -19.14
CA CYS D 52 -4.71 -6.82 -18.92
C CYS D 52 -4.18 -7.35 -20.29
N ASN D 53 -2.97 -7.93 -20.22
CA ASN D 53 -2.47 -8.52 -21.48
C ASN D 53 -2.70 -10.00 -21.53
N PHE E 1 19.01 -10.19 -0.46
CA PHE E 1 17.64 -10.41 0.08
C PHE E 1 16.90 -9.08 0.09
N VAL E 2 15.60 -9.02 -0.19
CA VAL E 2 15.05 -7.58 -0.19
C VAL E 2 14.12 -7.48 1.02
N ASN E 3 13.94 -8.55 1.76
CA ASN E 3 13.00 -8.77 2.85
C ASN E 3 13.01 -7.70 3.92
N GLN E 4 14.09 -7.16 4.29
CA GLN E 4 14.11 -6.11 5.35
C GLN E 4 13.67 -4.69 4.72
N HIS E 5 13.95 -4.45 3.48
CA HIS E 5 13.50 -3.23 2.78
C HIS E 5 11.94 -3.37 2.70
N LEU E 6 11.42 -4.57 2.50
CA LEU E 6 9.98 -4.74 2.39
C LEU E 6 9.34 -4.60 3.77
N CYS E 7 9.80 -5.31 4.79
CA CYS E 7 9.32 -5.08 6.13
C CYS E 7 9.35 -3.56 6.45
N GLY E 8 10.38 -2.83 6.20
CA GLY E 8 10.66 -1.39 6.59
C GLY E 8 9.52 -0.58 5.86
N SER E 9 9.02 -0.96 4.61
CA SER E 9 8.01 -0.11 4.01
C SER E 9 6.72 -0.29 4.73
N HIS E 10 6.47 -1.48 5.30
CA HIS E 10 5.29 -1.66 6.01
C HIS E 10 5.30 -1.01 7.44
N LEU E 11 6.60 -0.95 7.97
CA LEU E 11 6.64 -0.23 9.32
C LEU E 11 6.34 1.23 9.06
N VAL E 12 6.88 1.73 7.98
CA VAL E 12 6.66 3.23 7.79
C VAL E 12 5.19 3.56 7.76
N GLU E 13 4.40 2.70 7.03
CA GLU E 13 3.00 2.85 6.93
C GLU E 13 2.42 2.70 8.33
N ALA E 14 2.70 1.68 9.16
CA ALA E 14 2.23 1.66 10.50
C ALA E 14 2.71 2.78 11.51
N LEU E 15 3.88 3.41 11.30
CA LEU E 15 4.24 4.55 12.18
C LEU E 15 3.35 5.78 11.71
N TYR E 16 3.28 5.97 10.35
CA TYR E 16 2.30 7.07 9.93
C TYR E 16 1.01 6.95 10.54
N LEU E 17 0.35 5.74 10.59
CA LEU E 17 -0.91 5.65 11.20
C LEU E 17 -1.01 5.89 12.67
N VAL E 18 -0.08 5.25 13.37
CA VAL E 18 -0.03 5.29 14.84
C VAL E 18 0.30 6.75 15.19
N CYS E 19 1.19 7.41 14.64
CA CYS E 19 1.69 8.65 15.19
C CYS E 19 0.76 9.80 14.74
N GLY E 20 0.14 9.66 13.57
CA GLY E 20 -0.71 10.77 13.19
C GLY E 20 -0.08 12.09 13.00
N GLU E 21 -0.75 13.16 13.59
CA GLU E 21 -0.12 14.47 13.28
C GLU E 21 1.12 14.84 14.12
N ARG E 22 1.48 13.90 14.97
CA ARG E 22 2.72 14.11 15.83
C ARG E 22 3.88 13.79 14.90
N GLY E 23 3.70 12.89 13.91
CA GLY E 23 4.83 12.51 13.11
C GLY E 23 5.89 11.63 14.06
N PHE E 24 6.91 11.28 13.30
CA PHE E 24 7.97 10.40 14.01
C PHE E 24 9.27 10.97 13.73
N PHE E 25 10.36 10.61 14.48
CA PHE E 25 11.68 11.17 14.27
C PHE E 25 12.62 10.03 13.72
N TYR E 26 13.62 10.42 13.01
CA TYR E 26 14.60 9.41 12.50
C TYR E 26 16.01 9.68 13.14
N THR E 27 16.54 8.57 13.59
CA THR E 27 18.02 8.60 13.73
C THR E 27 18.56 7.27 13.18
N ASP E 28 19.81 7.23 12.89
CA ASP E 28 20.50 6.03 12.24
C ASP E 28 20.33 4.89 13.13
N LYS E 29 20.48 5.12 14.45
CA LYS E 29 20.38 4.04 15.41
C LYS E 29 19.04 3.51 15.53
N ALA E 30 18.02 4.43 15.69
CA ALA E 30 16.66 3.85 15.93
C ALA E 30 16.09 3.19 14.56
N ALA E 31 16.57 3.75 13.55
CA ALA E 31 16.07 3.06 12.26
C ALA E 31 16.65 1.62 12.16
N LYS E 32 17.88 1.42 12.57
CA LYS E 32 18.51 0.09 12.70
C LYS E 32 17.80 -0.73 13.74
N GLY E 33 17.57 -0.19 14.95
CA GLY E 33 16.81 -0.90 15.90
C GLY E 33 15.42 -1.36 15.65
N ILE E 34 14.55 -0.50 15.05
CA ILE E 34 13.11 -1.01 14.86
C ILE E 34 13.10 -2.07 13.73
N VAL E 35 14.03 -2.00 12.82
CA VAL E 35 14.01 -3.16 11.82
C VAL E 35 14.56 -4.40 12.43
N GLU E 36 15.59 -4.34 13.34
CA GLU E 36 16.12 -5.59 13.89
C GLU E 36 15.09 -6.14 14.86
N GLN E 37 14.39 -5.32 15.60
CA GLN E 37 13.33 -5.86 16.48
C GLN E 37 11.97 -6.17 15.75
N CYS E 38 11.48 -5.20 14.97
CA CYS E 38 10.08 -5.50 14.42
C CYS E 38 10.20 -6.28 13.11
N CYS E 39 11.35 -6.51 12.54
CA CYS E 39 11.21 -7.46 11.34
C CYS E 39 11.56 -8.87 11.79
N THR E 40 11.78 -9.11 13.13
CA THR E 40 12.15 -10.46 13.65
C THR E 40 10.99 -11.04 14.34
N SER E 41 10.19 -10.21 15.09
CA SER E 41 8.96 -10.64 15.69
C SER E 41 7.95 -9.45 15.71
N ILE E 42 6.68 -9.73 15.75
CA ILE E 42 5.62 -8.75 15.65
C ILE E 42 5.61 -7.71 16.84
N CYS E 43 5.81 -6.49 16.41
CA CYS E 43 5.69 -5.39 17.37
C CYS E 43 4.26 -4.87 17.48
N SER E 44 3.84 -4.57 18.67
CA SER E 44 2.52 -4.03 18.85
C SER E 44 2.45 -2.61 18.42
N LEU E 45 1.21 -1.98 18.31
CA LEU E 45 1.14 -0.57 18.03
C LEU E 45 1.63 0.19 19.20
N TYR E 46 1.48 -0.31 20.47
CA TYR E 46 1.97 0.36 21.64
C TYR E 46 3.50 0.34 21.79
N GLN E 47 4.19 -0.53 21.07
CA GLN E 47 5.65 -0.40 21.03
C GLN E 47 6.06 0.62 19.99
N LEU E 48 5.25 0.68 18.84
CA LEU E 48 5.64 1.66 17.81
C LEU E 48 5.46 3.09 18.25
N GLU E 49 4.49 3.32 19.08
CA GLU E 49 4.12 4.67 19.66
C GLU E 49 5.30 5.38 20.32
N ASN E 50 6.31 4.61 20.80
CA ASN E 50 7.55 5.16 21.32
C ASN E 50 8.38 5.90 20.31
N TYR E 51 8.29 5.60 18.99
CA TYR E 51 8.94 6.53 18.06
C TYR E 51 8.26 7.75 17.55
N CYS E 52 7.01 7.89 17.97
CA CYS E 52 6.31 9.17 17.55
C CYS E 52 6.89 10.35 18.33
N ASN E 53 6.82 11.53 17.74
CA ASN E 53 7.17 12.76 18.44
C ASN E 53 6.10 13.30 19.48
N PHE F 1 -10.79 16.58 -5.59
CA PHE F 1 -10.61 16.79 -4.04
C PHE F 1 -9.48 15.76 -3.67
N VAL F 2 -8.69 16.24 -2.67
CA VAL F 2 -7.65 15.35 -2.07
C VAL F 2 -7.77 15.15 -0.63
N ASN F 3 -8.05 13.97 0.01
CA ASN F 3 -8.06 13.94 1.44
C ASN F 3 -6.53 14.01 1.88
N GLN F 4 -6.15 15.12 2.64
CA GLN F 4 -4.76 15.21 3.01
C GLN F 4 -4.22 14.07 3.86
N HIS F 5 -4.97 13.39 4.71
CA HIS F 5 -4.48 12.34 5.47
C HIS F 5 -4.19 11.14 4.64
N LEU F 6 -4.98 10.89 3.59
CA LEU F 6 -4.65 9.73 2.74
C LEU F 6 -3.57 10.15 1.85
N CYS F 7 -3.42 11.36 1.39
CA CYS F 7 -2.30 11.74 0.54
C CYS F 7 -1.01 11.56 1.40
N GLY F 8 -1.05 12.07 2.62
CA GLY F 8 0.22 11.94 3.49
C GLY F 8 0.63 10.47 3.55
N SER F 9 -0.29 9.49 3.70
CA SER F 9 0.36 8.19 3.76
C SER F 9 1.18 7.85 2.49
N HIS F 10 0.84 8.15 1.26
CA HIS F 10 1.50 7.90 0.08
C HIS F 10 2.80 8.70 0.11
N LEU F 11 2.69 9.90 0.67
CA LEU F 11 3.96 10.73 0.58
C LEU F 11 5.08 10.13 1.54
N VAL F 12 4.69 9.66 2.70
CA VAL F 12 5.65 9.05 3.64
C VAL F 12 6.28 7.81 3.10
N GLU F 13 5.44 7.03 2.28
CA GLU F 13 6.01 5.94 1.54
C GLU F 13 7.00 6.38 0.53
N ALA F 14 6.73 7.36 -0.33
CA ALA F 14 7.61 7.90 -1.36
C ALA F 14 8.94 8.36 -0.65
N LEU F 15 8.77 9.10 0.49
CA LEU F 15 10.11 9.55 1.05
C LEU F 15 10.94 8.40 1.53
N TYR F 16 10.36 7.33 2.02
CA TYR F 16 11.09 6.11 2.41
C TYR F 16 11.85 5.63 1.23
N LEU F 17 11.28 5.64 0.01
CA LEU F 17 11.69 5.24 -1.33
C LEU F 17 12.93 6.01 -1.78
N VAL F 18 12.74 7.29 -1.64
CA VAL F 18 13.66 8.28 -2.17
C VAL F 18 14.85 8.38 -1.19
N CYS F 19 14.53 8.57 0.09
CA CYS F 19 15.65 8.94 0.97
C CYS F 19 16.37 7.69 1.48
N GLY F 20 15.71 6.63 1.78
CA GLY F 20 16.15 5.37 2.25
C GLY F 20 17.10 5.56 3.44
N GLU F 21 18.42 5.20 3.36
CA GLU F 21 19.15 5.20 4.64
C GLU F 21 19.60 6.58 4.91
N ARG F 22 19.53 7.60 4.05
CA ARG F 22 19.81 8.94 4.37
C ARG F 22 18.81 9.41 5.54
N GLY F 23 17.58 8.91 5.60
CA GLY F 23 16.49 9.47 6.37
C GLY F 23 16.16 10.96 6.11
N PHE F 24 15.75 11.67 7.22
CA PHE F 24 15.30 13.06 7.15
C PHE F 24 15.46 13.62 8.62
N PHE F 25 15.36 14.92 8.67
CA PHE F 25 15.33 15.64 9.98
C PHE F 25 13.92 16.18 10.24
N TYR F 26 13.13 15.57 11.11
CA TYR F 26 11.72 15.95 11.27
C TYR F 26 11.52 17.33 11.91
N THR F 27 10.75 18.22 11.32
CA THR F 27 10.28 19.43 12.10
C THR F 27 8.82 19.61 11.66
N ASP F 28 7.97 20.03 12.63
CA ASP F 28 6.59 20.35 12.27
C ASP F 28 6.42 21.23 11.05
N LYS F 29 7.19 22.29 10.89
CA LYS F 29 7.07 23.16 9.71
C LYS F 29 7.40 22.44 8.43
N ALA F 30 8.45 21.60 8.37
CA ALA F 30 8.68 20.90 7.08
C ALA F 30 7.58 19.86 6.87
N ALA F 31 7.09 19.22 7.91
CA ALA F 31 6.11 18.20 7.62
C ALA F 31 4.84 18.81 7.01
N LYS F 32 4.43 19.94 7.62
CA LYS F 32 3.17 20.55 7.19
C LYS F 32 3.50 21.11 5.83
N GLY F 33 4.61 21.61 5.52
CA GLY F 33 5.04 22.22 4.26
C GLY F 33 5.03 21.21 3.11
N ILE F 34 5.51 19.94 3.35
CA ILE F 34 5.47 18.99 2.30
C ILE F 34 4.07 18.51 1.95
N VAL F 35 3.18 18.40 2.90
CA VAL F 35 1.85 17.88 2.74
C VAL F 35 0.95 18.97 2.12
N GLU F 36 1.28 20.25 2.40
CA GLU F 36 0.64 21.36 1.72
C GLU F 36 1.02 21.39 0.27
N GLN F 37 2.29 21.48 -0.11
CA GLN F 37 2.70 21.53 -1.50
C GLN F 37 2.46 20.26 -2.34
N CYS F 38 2.68 19.07 -1.77
CA CYS F 38 2.64 17.87 -2.69
C CYS F 38 1.25 17.24 -2.59
N CYS F 39 0.34 17.65 -1.85
CA CYS F 39 -1.07 17.25 -1.80
C CYS F 39 -2.01 18.27 -2.57
N THR F 40 -1.47 19.28 -3.11
CA THR F 40 -2.16 20.18 -4.01
C THR F 40 -1.49 20.14 -5.35
N SER F 41 -0.22 20.02 -5.67
CA SER F 41 0.31 19.90 -7.00
C SER F 41 1.13 18.65 -7.00
N ILE F 42 1.26 17.91 -8.14
CA ILE F 42 2.01 16.68 -7.95
C ILE F 42 3.50 16.92 -7.73
N CYS F 43 4.13 16.28 -6.70
CA CYS F 43 5.58 16.54 -6.64
C CYS F 43 6.38 15.50 -7.33
N SER F 44 7.42 15.88 -8.02
CA SER F 44 8.27 14.81 -8.57
C SER F 44 9.26 14.20 -7.53
N LEU F 45 9.95 13.15 -7.91
CA LEU F 45 10.89 12.52 -6.91
C LEU F 45 12.07 13.48 -6.66
N TYR F 46 12.40 14.30 -7.63
CA TYR F 46 13.51 15.23 -7.43
C TYR F 46 13.12 16.37 -6.53
N GLN F 47 11.86 16.82 -6.45
CA GLN F 47 11.39 17.70 -5.41
C GLN F 47 11.40 17.04 -4.00
N LEU F 48 11.07 15.77 -3.91
CA LEU F 48 11.02 15.05 -2.63
C LEU F 48 12.44 14.81 -2.09
N GLU F 49 13.41 14.53 -2.93
CA GLU F 49 14.78 14.37 -2.45
C GLU F 49 15.31 15.60 -1.71
N ASN F 50 14.84 16.79 -1.92
CA ASN F 50 15.16 17.93 -1.11
C ASN F 50 14.94 17.83 0.39
N TYR F 51 13.99 17.01 0.85
CA TYR F 51 13.70 16.82 2.22
C TYR F 51 14.55 15.73 2.81
N CYS F 52 15.32 14.99 2.14
CA CYS F 52 16.13 13.95 2.70
C CYS F 52 17.22 14.56 3.52
N ASN F 53 17.96 13.75 4.27
CA ASN F 53 19.00 14.40 5.07
C ASN F 53 20.37 13.95 4.52
#